data_2E99
#
_entry.id   2E99
#
_cell.length_a   64.292
_cell.length_b   68.156
_cell.length_c   109.906
_cell.angle_alpha   90.00
_cell.angle_beta   90.00
_cell.angle_gamma   90.00
#
_symmetry.space_group_name_H-M   'P 21 21 21'
#
loop_
_entity.id
_entity.type
_entity.pdbx_description
1 polymer 'Undecaprenyl pyrophosphate synthetase'
2 non-polymer "(1-HYDROXY-1-PHOSPHONO-2-[1,1';3',1'']TERPHENYL-3-YL-ETHYL)-PHOSPHONIC ACID"
3 water water
#
_entity_poly.entity_id   1
_entity_poly.type   'polypeptide(L)'
_entity_poly.pdbx_seq_one_letter_code
;MMLSATQPLSEKLPAHGCRHVAIIMDGNGRWAKKQGKIRAFGHKAGAKSVRRAVSFAANNGIEALTLYAFSSENWNRPAQ
EVSALMELFVWALDSEVKSLHRHNVRLRIIGDTSRFNSRLQERIRKSEALTAGNTGLTLNIAANYGGRWDIVQGVRQLAE
KVQQGNLQPDQIDEEMLNQHVCMHELAPVDLVIRTGGEHRISNFLLWQIAYAELYFTDVLWPDFDEQDFEGALNAFANRE
RRFGGTEPGDETA
;
_entity_poly.pdbx_strand_id   A,B
#
# COMPACT_ATOMS: atom_id res chain seq x y z
N PRO A 14 -5.09 24.78 2.93
CA PRO A 14 -4.04 25.61 3.59
C PRO A 14 -2.79 25.57 2.72
N ALA A 15 -1.77 26.35 3.07
CA ALA A 15 -0.57 26.41 2.23
C ALA A 15 0.12 25.10 1.91
N HIS A 16 0.09 24.14 2.84
CA HIS A 16 0.75 22.87 2.57
C HIS A 16 -0.08 22.01 1.59
N GLY A 17 -1.35 22.40 1.36
CA GLY A 17 -2.24 21.68 0.43
C GLY A 17 -2.56 20.23 0.82
N CYS A 18 -2.34 19.90 2.09
CA CYS A 18 -2.54 18.56 2.56
C CYS A 18 -3.88 18.45 3.31
N ARG A 19 -4.85 17.76 2.75
CA ARG A 19 -6.16 17.69 3.43
C ARG A 19 -6.29 16.52 4.42
N HIS A 20 -5.61 15.41 4.14
CA HIS A 20 -5.84 14.22 5.00
C HIS A 20 -4.50 13.55 5.17
N VAL A 21 -4.09 13.41 6.43
CA VAL A 21 -2.81 12.79 6.78
C VAL A 21 -3.06 11.52 7.56
N ALA A 22 -2.36 10.46 7.22
CA ALA A 22 -2.48 9.18 7.98
C ALA A 22 -1.09 8.94 8.59
N ILE A 23 -1.07 8.49 9.84
CA ILE A 23 0.21 8.24 10.51
C ILE A 23 0.29 6.84 11.12
N ILE A 24 1.39 6.15 10.82
CA ILE A 24 1.65 4.88 11.45
C ILE A 24 2.61 5.27 12.58
N MET A 25 2.11 5.22 13.81
CA MET A 25 2.86 5.57 14.99
C MET A 25 3.62 4.31 15.44
N ASP A 26 4.92 4.47 15.64
CA ASP A 26 5.77 3.37 16.05
C ASP A 26 6.98 3.92 16.77
N GLY A 27 7.46 3.14 17.72
CA GLY A 27 8.67 3.50 18.46
C GLY A 27 8.58 3.79 19.95
N ASN A 28 7.38 3.68 20.55
CA ASN A 28 7.22 3.98 21.96
C ASN A 28 8.03 3.05 22.87
N GLY A 29 7.96 1.75 22.65
CA GLY A 29 8.72 0.80 23.48
C GLY A 29 10.24 1.03 23.37
N ARG A 30 10.72 1.23 22.15
CA ARG A 30 12.14 1.48 21.93
C ARG A 30 12.57 2.74 22.63
N TRP A 31 11.72 3.76 22.54
CA TRP A 31 11.99 5.02 23.21
C TRP A 31 12.11 4.79 24.75
N ALA A 32 11.22 4.01 25.32
CA ALA A 32 11.25 3.77 26.77
C ALA A 32 12.53 2.98 27.11
N LYS A 33 12.78 1.93 26.33
CA LYS A 33 13.96 1.08 26.52
C LYS A 33 15.24 1.87 26.58
N LYS A 34 15.41 2.85 25.69
CA LYS A 34 16.60 3.69 25.69
C LYS A 34 16.76 4.52 26.95
N GLN A 35 15.64 4.86 27.56
CA GLN A 35 15.56 5.67 28.77
C GLN A 35 15.77 4.82 30.00
N GLY A 36 15.66 3.49 29.84
CA GLY A 36 15.79 2.57 30.95
C GLY A 36 14.43 2.45 31.64
N LYS A 37 13.35 2.72 30.92
CA LYS A 37 11.99 2.69 31.47
C LYS A 37 11.20 1.54 30.88
N ILE A 38 10.11 1.11 31.55
CA ILE A 38 9.35 0.00 31.00
C ILE A 38 8.34 0.51 29.95
N ARG A 39 7.78 -0.41 29.16
CA ARG A 39 6.85 -0.05 28.09
C ARG A 39 5.68 0.83 28.46
N ALA A 40 5.21 0.73 29.69
CA ALA A 40 4.10 1.54 30.08
C ALA A 40 4.46 3.02 30.06
N PHE A 41 5.73 3.34 30.34
CA PHE A 41 6.18 4.74 30.33
C PHE A 41 6.16 5.29 28.87
N GLY A 42 6.46 4.42 27.93
CA GLY A 42 6.44 4.78 26.51
C GLY A 42 4.98 4.94 26.07
N HIS A 43 4.08 4.15 26.65
CA HIS A 43 2.68 4.28 26.29
C HIS A 43 2.21 5.66 26.71
N LYS A 44 2.64 6.12 27.87
CA LYS A 44 2.21 7.43 28.31
C LYS A 44 2.82 8.57 27.47
N ALA A 45 4.08 8.42 27.11
CA ALA A 45 4.75 9.44 26.31
C ALA A 45 4.08 9.38 24.90
N GLY A 46 3.66 8.20 24.50
CA GLY A 46 3.03 8.00 23.21
C GLY A 46 1.69 8.71 23.17
N ALA A 47 0.91 8.57 24.25
CA ALA A 47 -0.39 9.25 24.35
C ALA A 47 -0.18 10.76 24.25
N LYS A 48 0.87 11.24 24.89
CA LYS A 48 1.13 12.65 24.88
C LYS A 48 1.53 13.13 23.50
N SER A 49 2.23 12.28 22.74
CA SER A 49 2.66 12.68 21.41
C SER A 49 1.39 12.66 20.51
N VAL A 50 0.41 11.78 20.85
CA VAL A 50 -0.84 11.77 20.06
C VAL A 50 -1.57 13.11 20.25
N ARG A 51 -1.74 13.53 21.51
CA ARG A 51 -2.46 14.78 21.74
C ARG A 51 -1.82 15.96 21.02
N ARG A 52 -0.50 16.01 21.03
CA ARG A 52 0.28 17.06 20.39
C ARG A 52 0.12 17.06 18.86
N ALA A 53 0.08 15.87 18.25
CA ALA A 53 -0.12 15.73 16.81
C ALA A 53 -1.54 16.17 16.45
N VAL A 54 -2.51 15.79 17.26
CA VAL A 54 -3.88 16.18 16.97
C VAL A 54 -4.02 17.70 17.06
N SER A 55 -3.45 18.38 18.08
CA SER A 55 -3.54 19.87 18.17
C SER A 55 -2.85 20.46 17.00
N PHE A 56 -1.69 19.93 16.65
CA PHE A 56 -1.00 20.50 15.51
C PHE A 56 -1.87 20.46 14.25
N ALA A 57 -2.38 19.27 13.92
CA ALA A 57 -3.23 19.06 12.74
C ALA A 57 -4.44 20.02 12.76
N ALA A 58 -5.12 20.11 13.89
CA ALA A 58 -6.28 20.99 14.00
C ALA A 58 -5.85 22.44 13.81
N ASN A 59 -4.70 22.83 14.36
CA ASN A 59 -4.27 24.20 14.20
C ASN A 59 -3.69 24.50 12.83
N ASN A 60 -3.44 23.49 12.00
CA ASN A 60 -2.87 23.74 10.70
C ASN A 60 -3.81 23.46 9.55
N GLY A 61 -5.10 23.52 9.87
CA GLY A 61 -6.13 23.33 8.87
C GLY A 61 -6.21 22.00 8.17
N ILE A 62 -5.60 20.96 8.71
CA ILE A 62 -5.69 19.65 8.08
C ILE A 62 -7.16 19.22 8.29
N GLU A 63 -7.81 18.65 7.27
CA GLU A 63 -9.23 18.25 7.44
C GLU A 63 -9.42 16.92 8.16
N ALA A 64 -8.53 15.96 7.93
CA ALA A 64 -8.65 14.65 8.58
C ALA A 64 -7.26 14.10 8.91
N LEU A 65 -7.22 13.44 10.05
CA LEU A 65 -6.00 12.83 10.59
C LEU A 65 -6.41 11.42 10.97
N THR A 66 -5.73 10.44 10.37
CA THR A 66 -6.02 9.04 10.66
C THR A 66 -4.83 8.42 11.35
N LEU A 67 -5.04 7.85 12.54
CA LEU A 67 -3.94 7.30 13.33
C LEU A 67 -4.00 5.80 13.53
N TYR A 68 -2.87 5.15 13.27
CA TYR A 68 -2.69 3.73 13.43
C TYR A 68 -1.54 3.45 14.39
N ALA A 69 -1.86 2.76 15.49
CA ALA A 69 -0.81 2.41 16.45
C ALA A 69 -0.16 1.08 16.02
N PHE A 70 1.10 1.11 15.65
CA PHE A 70 1.73 -0.14 15.21
C PHE A 70 2.34 -0.83 16.42
N SER A 71 1.94 -2.08 16.67
CA SER A 71 2.50 -2.80 17.80
C SER A 71 3.60 -3.79 17.43
N SER A 72 4.82 -3.46 17.85
CA SER A 72 6.03 -4.23 17.63
C SER A 72 5.94 -5.44 18.57
N GLU A 73 5.15 -5.30 19.63
CA GLU A 73 5.04 -6.36 20.62
C GLU A 73 3.89 -7.36 20.43
N ASN A 74 2.90 -7.02 19.61
CA ASN A 74 1.77 -7.93 19.42
C ASN A 74 2.12 -9.36 18.97
N TRP A 75 3.35 -9.57 18.50
CA TRP A 75 3.81 -10.91 18.06
C TRP A 75 4.25 -11.78 19.25
N ASN A 76 4.36 -11.17 20.43
CA ASN A 76 4.76 -11.88 21.64
C ASN A 76 3.55 -12.07 22.56
N ARG A 77 2.44 -11.40 22.25
CA ARG A 77 1.24 -11.48 23.07
C ARG A 77 0.25 -12.51 22.55
N PRO A 78 -0.38 -13.27 23.47
CA PRO A 78 -1.36 -14.28 23.03
C PRO A 78 -2.51 -13.58 22.33
N ALA A 79 -3.16 -14.28 21.39
CA ALA A 79 -4.28 -13.70 20.64
C ALA A 79 -5.40 -13.24 21.56
N GLN A 80 -5.58 -13.96 22.67
CA GLN A 80 -6.60 -13.66 23.67
C GLN A 80 -6.33 -12.28 24.26
N GLU A 81 -5.04 -11.96 24.42
CA GLU A 81 -4.61 -10.68 24.98
C GLU A 81 -4.85 -9.55 23.98
N VAL A 82 -4.62 -9.84 22.70
CA VAL A 82 -4.80 -8.82 21.66
C VAL A 82 -6.23 -8.30 21.60
N SER A 83 -7.20 -9.19 21.82
CA SER A 83 -8.62 -8.85 21.80
C SER A 83 -8.95 -7.95 22.98
N ALA A 84 -8.46 -8.33 24.15
CA ALA A 84 -8.70 -7.57 25.37
C ALA A 84 -8.08 -6.18 25.28
N LEU A 85 -6.84 -6.10 24.80
CA LEU A 85 -6.18 -4.81 24.69
C LEU A 85 -7.05 -3.89 23.85
N MET A 86 -7.80 -4.46 22.92
CA MET A 86 -8.72 -3.70 22.09
C MET A 86 -9.78 -3.10 23.02
N GLU A 87 -10.14 -3.87 24.05
CA GLU A 87 -11.11 -3.40 25.03
C GLU A 87 -10.57 -2.11 25.64
N LEU A 88 -9.61 -2.28 26.56
CA LEU A 88 -8.98 -1.18 27.27
C LEU A 88 -8.67 0.00 26.36
N PHE A 89 -8.07 -0.27 25.22
CA PHE A 89 -7.72 0.78 24.28
C PHE A 89 -8.92 1.66 23.96
N VAL A 90 -9.88 1.12 23.21
CA VAL A 90 -11.05 1.92 22.86
C VAL A 90 -11.80 2.36 24.11
N TRP A 91 -11.73 1.54 25.17
CA TRP A 91 -12.36 1.88 26.43
C TRP A 91 -11.72 3.19 26.89
N ALA A 92 -10.38 3.17 27.02
CA ALA A 92 -9.63 4.34 27.43
C ALA A 92 -10.04 5.56 26.61
N LEU A 93 -10.18 5.37 25.31
CA LEU A 93 -10.57 6.45 24.42
C LEU A 93 -12.00 6.94 24.70
N ASP A 94 -12.55 6.58 25.86
CA ASP A 94 -13.91 7.02 26.20
C ASP A 94 -13.83 8.28 27.05
N SER A 95 -12.95 8.30 28.05
CA SER A 95 -12.79 9.48 28.90
C SER A 95 -12.23 10.59 28.07
N GLU A 96 -11.67 10.23 26.92
CA GLU A 96 -11.07 11.21 26.05
C GLU A 96 -12.06 11.84 25.11
N VAL A 97 -13.19 11.19 24.88
CA VAL A 97 -14.21 11.72 23.96
C VAL A 97 -14.69 13.12 24.35
N LYS A 98 -14.90 13.33 25.65
CA LYS A 98 -15.36 14.61 26.15
C LYS A 98 -14.37 15.71 25.75
N SER A 99 -13.10 15.40 25.93
CA SER A 99 -12.05 16.35 25.58
C SER A 99 -12.01 16.59 24.06
N LEU A 100 -12.12 15.54 23.24
CA LEU A 100 -12.12 15.73 21.79
C LEU A 100 -13.31 16.62 21.39
N HIS A 101 -14.45 16.34 21.99
CA HIS A 101 -15.65 17.10 21.69
C HIS A 101 -15.47 18.58 22.06
N ARG A 102 -14.93 18.85 23.24
CA ARG A 102 -14.70 20.20 23.65
C ARG A 102 -13.78 20.92 22.69
N HIS A 103 -12.91 20.17 22.00
CA HIS A 103 -12.01 20.76 21.02
C HIS A 103 -12.62 20.72 19.62
N ASN A 104 -13.92 20.43 19.51
CA ASN A 104 -14.53 20.49 18.18
C ASN A 104 -14.00 19.50 17.13
N VAL A 105 -13.55 18.34 17.59
CA VAL A 105 -13.04 17.28 16.76
C VAL A 105 -14.16 16.29 16.48
N ARG A 106 -14.24 15.78 15.27
CA ARG A 106 -15.22 14.79 14.91
C ARG A 106 -14.50 13.46 14.97
N LEU A 107 -14.93 12.55 15.88
CA LEU A 107 -14.29 11.26 16.08
C LEU A 107 -14.91 10.10 15.28
N ARG A 108 -14.06 9.24 14.71
CA ARG A 108 -14.55 8.07 13.97
C ARG A 108 -13.58 6.98 14.29
N ILE A 109 -14.09 5.77 14.46
CA ILE A 109 -13.24 4.63 14.77
C ILE A 109 -13.30 3.80 13.52
N ILE A 110 -12.16 3.40 12.97
CA ILE A 110 -12.21 2.53 11.79
C ILE A 110 -11.57 1.20 12.19
N GLY A 111 -12.10 0.08 11.70
CA GLY A 111 -11.55 -1.21 12.07
C GLY A 111 -12.71 -2.17 12.30
N ASP A 112 -12.37 -3.39 12.64
CA ASP A 112 -13.37 -4.43 12.83
C ASP A 112 -13.78 -4.49 14.30
N THR A 113 -14.85 -3.77 14.61
CA THR A 113 -15.38 -3.71 15.96
C THR A 113 -16.67 -4.55 16.08
N SER A 114 -16.93 -5.41 15.09
CA SER A 114 -18.17 -6.24 15.08
C SER A 114 -18.22 -7.32 16.16
N ARG A 115 -17.05 -7.80 16.57
CA ARG A 115 -16.95 -8.82 17.60
C ARG A 115 -16.84 -8.17 18.98
N PHE A 116 -16.69 -6.85 19.02
CA PHE A 116 -16.56 -6.12 20.28
C PHE A 116 -17.85 -6.27 21.09
N ASN A 117 -17.74 -6.25 22.41
CA ASN A 117 -18.94 -6.38 23.21
C ASN A 117 -19.91 -5.21 22.92
N SER A 118 -21.21 -5.52 22.90
CA SER A 118 -22.26 -4.57 22.52
C SER A 118 -22.25 -3.25 23.27
N ARG A 119 -21.79 -3.29 24.50
CA ARG A 119 -21.70 -2.11 25.35
C ARG A 119 -20.69 -1.12 24.73
N LEU A 120 -19.57 -1.66 24.29
CA LEU A 120 -18.54 -0.80 23.69
C LEU A 120 -18.97 -0.28 22.32
N GLN A 121 -19.68 -1.12 21.57
CA GLN A 121 -20.13 -0.70 20.25
C GLN A 121 -21.14 0.41 20.42
N GLU A 122 -21.94 0.35 21.50
CA GLU A 122 -22.91 1.40 21.73
C GLU A 122 -22.13 2.68 22.05
N ARG A 123 -21.13 2.54 22.90
CA ARG A 123 -20.28 3.67 23.26
C ARG A 123 -19.61 4.33 22.02
N ILE A 124 -19.12 3.51 21.10
CA ILE A 124 -18.47 4.02 19.91
C ILE A 124 -19.48 4.79 19.07
N ARG A 125 -20.68 4.20 18.95
CA ARG A 125 -21.69 4.86 18.16
C ARG A 125 -22.08 6.19 18.83
N LYS A 126 -22.26 6.21 20.15
CA LYS A 126 -22.60 7.44 20.86
C LYS A 126 -21.54 8.53 20.58
N SER A 127 -20.27 8.15 20.75
CA SER A 127 -19.13 9.03 20.53
C SER A 127 -19.11 9.61 19.17
N GLU A 128 -19.38 8.76 18.17
CA GLU A 128 -19.35 9.25 16.81
C GLU A 128 -20.50 10.20 16.59
N ALA A 129 -21.70 9.82 17.09
CA ALA A 129 -22.89 10.64 16.94
C ALA A 129 -22.74 11.99 17.62
N LEU A 130 -22.25 11.97 18.85
CA LEU A 130 -22.00 13.20 19.60
C LEU A 130 -21.12 14.22 18.86
N THR A 131 -20.02 13.74 18.29
CA THR A 131 -19.08 14.63 17.62
C THR A 131 -19.32 14.77 16.09
N ALA A 132 -20.32 14.08 15.54
CA ALA A 132 -20.54 14.10 14.08
C ALA A 132 -20.73 15.48 13.48
N GLY A 133 -21.34 16.38 14.23
CA GLY A 133 -21.58 17.72 13.69
C GLY A 133 -20.49 18.72 14.00
N ASN A 134 -19.38 18.28 14.60
CA ASN A 134 -18.27 19.22 14.92
C ASN A 134 -17.64 19.65 13.64
N THR A 135 -17.04 20.82 13.64
CA THR A 135 -16.51 21.37 12.41
C THR A 135 -15.00 21.46 12.38
N GLY A 136 -14.35 20.87 13.36
CA GLY A 136 -12.91 20.96 13.38
C GLY A 136 -12.33 19.75 12.67
N LEU A 137 -11.17 19.32 13.15
CA LEU A 137 -10.46 18.18 12.60
C LEU A 137 -11.30 16.90 12.66
N THR A 138 -11.23 16.07 11.61
CA THR A 138 -11.90 14.75 11.67
C THR A 138 -10.78 13.78 12.04
N LEU A 139 -10.89 13.14 13.18
CA LEU A 139 -9.88 12.21 13.70
C LEU A 139 -10.37 10.76 13.59
N ASN A 140 -9.68 9.98 12.79
CA ASN A 140 -10.04 8.57 12.59
C ASN A 140 -9.03 7.75 13.37
N ILE A 141 -9.50 6.92 14.29
CA ILE A 141 -8.62 6.07 15.06
C ILE A 141 -8.82 4.62 14.62
N ALA A 142 -7.72 3.98 14.20
CA ALA A 142 -7.74 2.58 13.78
C ALA A 142 -7.82 1.69 15.02
N ALA A 143 -8.75 0.75 15.01
CA ALA A 143 -8.85 -0.16 16.15
C ALA A 143 -9.22 -1.49 15.49
N ASN A 144 -8.33 -2.46 15.65
CA ASN A 144 -8.53 -3.76 15.04
C ASN A 144 -8.70 -3.51 13.55
N TYR A 145 -7.82 -2.67 13.01
CA TYR A 145 -7.89 -2.35 11.58
C TYR A 145 -6.81 -3.05 10.75
N GLY A 146 -7.19 -3.45 9.55
CA GLY A 146 -6.26 -4.03 8.60
C GLY A 146 -6.69 -3.56 7.21
N GLY A 147 -5.74 -3.26 6.33
CA GLY A 147 -6.09 -2.81 5.00
C GLY A 147 -6.80 -3.85 4.15
N ARG A 148 -6.33 -5.09 4.25
CA ARG A 148 -6.95 -6.20 3.51
C ARG A 148 -8.39 -6.44 4.00
N TRP A 149 -8.56 -6.43 5.33
CA TRP A 149 -9.88 -6.61 5.96
C TRP A 149 -10.84 -5.52 5.45
N ASP A 150 -10.33 -4.29 5.41
CA ASP A 150 -11.10 -3.14 4.93
C ASP A 150 -11.64 -3.43 3.54
N ILE A 151 -10.76 -3.85 2.63
CA ILE A 151 -11.14 -4.17 1.28
C ILE A 151 -12.17 -5.35 1.31
N VAL A 152 -11.93 -6.33 2.16
CA VAL A 152 -12.82 -7.51 2.24
C VAL A 152 -14.20 -7.15 2.79
N GLN A 153 -14.29 -6.34 3.84
CA GLN A 153 -15.60 -6.00 4.35
C GLN A 153 -16.32 -5.25 3.23
N GLY A 154 -15.61 -4.46 2.43
CA GLY A 154 -16.35 -3.78 1.38
C GLY A 154 -16.80 -4.73 0.29
N VAL A 155 -15.95 -5.70 -0.02
CA VAL A 155 -16.27 -6.69 -1.02
C VAL A 155 -17.55 -7.46 -0.58
N ARG A 156 -17.61 -7.82 0.70
CA ARG A 156 -18.77 -8.54 1.22
C ARG A 156 -20.04 -7.76 1.01
N GLN A 157 -20.01 -6.46 1.29
CA GLN A 157 -21.19 -5.61 1.08
C GLN A 157 -21.64 -5.72 -0.36
N LEU A 158 -20.68 -5.75 -1.29
CA LEU A 158 -21.04 -5.88 -2.69
C LEU A 158 -21.55 -7.31 -2.96
N ALA A 159 -21.00 -8.29 -2.25
CA ALA A 159 -21.43 -9.67 -2.43
C ALA A 159 -22.90 -9.85 -2.02
N GLU A 160 -23.35 -9.07 -1.03
CA GLU A 160 -24.74 -9.14 -0.58
C GLU A 160 -25.67 -8.59 -1.66
N LYS A 161 -25.27 -7.48 -2.28
CA LYS A 161 -26.10 -6.91 -3.34
C LYS A 161 -26.24 -7.89 -4.50
N VAL A 162 -25.17 -8.64 -4.75
CA VAL A 162 -25.18 -9.61 -5.82
C VAL A 162 -26.15 -10.73 -5.43
N GLN A 163 -26.10 -11.13 -4.17
CA GLN A 163 -26.97 -12.17 -3.72
C GLN A 163 -28.45 -11.73 -3.65
N GLN A 164 -28.67 -10.42 -3.46
CA GLN A 164 -30.03 -9.85 -3.41
C GLN A 164 -30.65 -9.85 -4.80
N GLY A 165 -29.80 -9.81 -5.82
CA GLY A 165 -30.30 -9.80 -7.17
C GLY A 165 -30.16 -8.42 -7.76
N ASN A 166 -29.72 -7.50 -6.92
CA ASN A 166 -29.58 -6.12 -7.34
C ASN A 166 -28.27 -5.69 -8.02
N LEU A 167 -27.29 -6.58 -8.10
CA LEU A 167 -26.02 -6.22 -8.72
C LEU A 167 -25.42 -7.29 -9.59
N GLN A 168 -25.04 -6.91 -10.81
CA GLN A 168 -24.41 -7.82 -11.75
C GLN A 168 -22.87 -7.77 -11.55
N PRO A 169 -22.24 -8.91 -11.25
CA PRO A 169 -20.78 -8.90 -11.06
C PRO A 169 -20.05 -7.95 -12.01
N ASP A 170 -20.48 -7.93 -13.26
CA ASP A 170 -19.88 -7.10 -14.29
C ASP A 170 -20.10 -5.60 -14.12
N GLN A 171 -20.93 -5.19 -13.18
CA GLN A 171 -21.15 -3.76 -12.98
C GLN A 171 -20.20 -3.23 -11.90
N ILE A 172 -19.47 -4.14 -11.26
CA ILE A 172 -18.54 -3.75 -10.20
C ILE A 172 -17.28 -3.15 -10.78
N ASP A 173 -17.00 -1.90 -10.44
CA ASP A 173 -15.77 -1.27 -10.93
C ASP A 173 -15.08 -0.63 -9.72
N GLU A 174 -13.98 0.07 -9.97
CA GLU A 174 -13.22 0.67 -8.85
C GLU A 174 -14.05 1.68 -8.08
N GLU A 175 -14.66 2.59 -8.83
CA GLU A 175 -15.46 3.64 -8.24
C GLU A 175 -16.47 3.09 -7.30
N MET A 176 -17.07 1.96 -7.66
CA MET A 176 -18.07 1.33 -6.81
C MET A 176 -17.48 0.67 -5.58
N LEU A 177 -16.34 0.00 -5.72
CA LEU A 177 -15.74 -0.63 -4.56
C LEU A 177 -15.23 0.48 -3.64
N ASN A 178 -14.77 1.59 -4.22
CA ASN A 178 -14.30 2.74 -3.44
C ASN A 178 -15.37 3.26 -2.46
N GLN A 179 -16.64 3.30 -2.89
CA GLN A 179 -17.72 3.75 -2.01
C GLN A 179 -17.91 2.89 -0.77
N HIS A 180 -17.29 1.71 -0.71
CA HIS A 180 -17.46 0.82 0.44
C HIS A 180 -16.21 0.54 1.26
N VAL A 181 -15.16 1.34 1.09
CA VAL A 181 -13.98 1.15 1.93
C VAL A 181 -14.02 2.22 3.00
N CYS A 182 -13.31 2.03 4.12
CA CYS A 182 -13.30 2.99 5.22
C CYS A 182 -12.85 4.37 4.71
N MET A 183 -13.50 5.39 5.25
CA MET A 183 -13.24 6.80 4.96
C MET A 183 -13.52 7.28 3.56
N HIS A 184 -14.40 6.61 2.84
CA HIS A 184 -14.66 7.02 1.45
C HIS A 184 -15.38 8.36 1.37
N GLU A 185 -16.01 8.76 2.46
CA GLU A 185 -16.73 10.04 2.44
C GLU A 185 -15.80 11.24 2.72
N LEU A 186 -14.52 10.95 3.03
CA LEU A 186 -13.54 11.99 3.36
C LEU A 186 -12.60 12.23 2.19
N ALA A 187 -11.84 13.33 2.24
CA ALA A 187 -10.84 13.65 1.19
C ALA A 187 -9.88 12.45 1.15
N PRO A 188 -9.39 12.09 -0.03
CA PRO A 188 -8.45 10.96 -0.18
C PRO A 188 -7.24 11.25 0.71
N VAL A 189 -6.55 10.18 1.15
CA VAL A 189 -5.35 10.36 2.00
C VAL A 189 -4.26 10.94 1.11
N ASP A 190 -3.68 12.07 1.49
CA ASP A 190 -2.66 12.71 0.68
C ASP A 190 -1.26 12.31 1.12
N LEU A 191 -1.11 12.04 2.41
CA LEU A 191 0.20 11.76 2.99
C LEU A 191 0.11 10.73 4.10
N VAL A 192 1.03 9.74 4.08
CA VAL A 192 1.09 8.73 5.12
C VAL A 192 2.48 8.93 5.74
N ILE A 193 2.52 9.15 7.04
CA ILE A 193 3.79 9.30 7.77
C ILE A 193 3.98 8.02 8.59
N ARG A 194 5.18 7.45 8.57
CA ARG A 194 5.46 6.34 9.48
C ARG A 194 6.73 6.66 10.29
N THR A 195 6.60 6.71 11.61
CA THR A 195 7.72 7.05 12.47
C THR A 195 8.32 5.74 12.98
N GLY A 196 9.48 5.79 13.60
CA GLY A 196 10.03 4.59 14.17
C GLY A 196 11.08 3.87 13.34
N GLY A 197 11.27 4.29 12.09
CA GLY A 197 12.29 3.68 11.26
C GLY A 197 11.95 2.59 10.29
N GLU A 198 10.84 1.87 10.47
CA GLU A 198 10.49 0.81 9.54
C GLU A 198 9.91 1.40 8.25
N HIS A 199 10.26 0.80 7.11
CA HIS A 199 9.76 1.26 5.80
C HIS A 199 8.72 0.33 5.19
N ARG A 200 7.62 0.11 5.90
CA ARG A 200 6.53 -0.75 5.43
C ARG A 200 5.21 -0.13 5.83
N ILE A 201 4.15 -0.51 5.12
CA ILE A 201 2.79 -0.08 5.38
C ILE A 201 2.17 -1.00 6.44
N SER A 202 2.70 -2.21 6.56
CA SER A 202 2.23 -3.16 7.57
C SER A 202 0.72 -3.34 7.63
N ASN A 203 0.11 -3.48 6.48
CA ASN A 203 -1.33 -3.73 6.37
C ASN A 203 -2.17 -2.65 7.01
N PHE A 204 -1.68 -1.41 6.96
CA PHE A 204 -2.48 -0.28 7.42
C PHE A 204 -3.28 -0.05 6.11
N LEU A 205 -3.59 1.19 5.74
CA LEU A 205 -4.35 1.48 4.54
C LEU A 205 -3.64 0.93 3.29
N LEU A 206 -4.43 0.40 2.36
CA LEU A 206 -3.87 -0.13 1.13
C LEU A 206 -4.64 0.48 -0.04
N TRP A 207 -5.95 0.23 -0.11
CA TRP A 207 -6.71 0.80 -1.22
C TRP A 207 -6.59 2.36 -1.24
N GLN A 208 -6.71 2.96 -0.07
CA GLN A 208 -6.70 4.40 0.10
C GLN A 208 -5.36 5.09 -0.13
N ILE A 209 -4.25 4.33 -0.14
CA ILE A 209 -2.97 5.05 -0.36
C ILE A 209 -2.40 4.92 -1.75
N ALA A 210 -3.23 4.49 -2.69
CA ALA A 210 -2.78 4.31 -4.07
C ALA A 210 -2.04 5.53 -4.62
N TYR A 211 -2.45 6.75 -4.22
CA TYR A 211 -1.79 7.94 -4.77
C TYR A 211 -1.17 8.85 -3.74
N ALA A 212 -1.09 8.36 -2.50
CA ALA A 212 -0.58 9.18 -1.41
C ALA A 212 0.95 9.27 -1.39
N GLU A 213 1.47 10.39 -0.90
CA GLU A 213 2.90 10.59 -0.71
C GLU A 213 3.25 9.74 0.54
N LEU A 214 4.38 9.02 0.55
CA LEU A 214 4.73 8.20 1.69
C LEU A 214 5.97 8.84 2.33
N TYR A 215 5.90 9.12 3.63
CA TYR A 215 7.02 9.78 4.31
C TYR A 215 7.50 8.95 5.51
N PHE A 216 8.74 8.51 5.50
CA PHE A 216 9.25 7.67 6.60
C PHE A 216 10.28 8.43 7.39
N THR A 217 10.19 8.37 8.71
CA THR A 217 11.17 9.04 9.54
C THR A 217 11.60 8.10 10.63
N ASP A 218 12.88 8.17 11.00
CA ASP A 218 13.43 7.32 12.02
C ASP A 218 13.04 7.79 13.41
N VAL A 219 12.52 9.02 13.51
CA VAL A 219 12.14 9.59 14.82
C VAL A 219 11.13 8.67 15.52
N LEU A 220 11.35 8.41 16.80
CA LEU A 220 10.49 7.54 17.57
C LEU A 220 9.24 8.34 17.95
N TRP A 221 8.10 7.68 17.92
CA TRP A 221 6.83 8.38 18.15
C TRP A 221 6.78 9.39 19.32
N PRO A 222 7.30 9.01 20.51
CA PRO A 222 7.27 9.95 21.64
C PRO A 222 7.99 11.29 21.36
N ASP A 223 9.01 11.26 20.50
CA ASP A 223 9.80 12.44 20.10
C ASP A 223 9.25 13.16 18.87
N PHE A 224 8.30 12.55 18.19
CA PHE A 224 7.78 13.14 16.96
C PHE A 224 6.94 14.34 17.33
N ASP A 225 7.44 15.55 17.07
CA ASP A 225 6.66 16.72 17.52
C ASP A 225 6.16 17.66 16.42
N GLU A 226 5.73 18.86 16.79
CA GLU A 226 5.17 19.77 15.80
C GLU A 226 6.17 20.09 14.71
N GLN A 227 7.44 20.24 15.05
CA GLN A 227 8.42 20.56 14.02
C GLN A 227 8.63 19.30 13.12
N ASP A 228 8.51 18.10 13.65
CA ASP A 228 8.64 16.93 12.76
C ASP A 228 7.41 16.86 11.83
N PHE A 229 6.23 17.15 12.38
CA PHE A 229 5.03 17.10 11.57
C PHE A 229 5.15 18.23 10.52
N GLU A 230 5.68 19.41 10.91
CA GLU A 230 5.82 20.49 9.92
C GLU A 230 6.76 20.05 8.81
N GLY A 231 7.83 19.37 9.16
CA GLY A 231 8.77 18.93 8.14
C GLY A 231 8.10 18.00 7.14
N ALA A 232 7.25 17.11 7.65
CA ALA A 232 6.57 16.18 6.76
C ALA A 232 5.65 16.94 5.84
N LEU A 233 4.88 17.89 6.38
CA LEU A 233 3.92 18.61 5.52
C LEU A 233 4.68 19.45 4.46
N ASN A 234 5.86 19.96 4.81
CA ASN A 234 6.59 20.75 3.86
C ASN A 234 7.16 19.89 2.73
N ALA A 235 7.61 18.68 3.07
CA ALA A 235 8.14 17.73 2.10
C ALA A 235 7.00 17.40 1.13
N PHE A 236 5.80 17.24 1.68
CA PHE A 236 4.62 16.95 0.87
C PHE A 236 4.35 18.15 -0.06
N ALA A 237 4.29 19.35 0.51
CA ALA A 237 4.06 20.57 -0.29
C ALA A 237 5.07 20.68 -1.43
N ASN A 238 6.35 20.52 -1.12
CA ASN A 238 7.39 20.59 -2.16
C ASN A 238 7.27 19.43 -3.19
N ARG A 239 6.86 18.24 -2.74
CA ARG A 239 6.75 17.07 -3.61
C ARG A 239 5.57 17.04 -4.56
N GLU A 240 4.45 17.60 -4.14
CA GLU A 240 3.28 17.62 -5.02
C GLU A 240 3.54 18.67 -6.13
N GLY B 17 16.24 -13.19 3.43
CA GLY B 17 16.37 -13.62 1.97
C GLY B 17 15.23 -13.01 1.11
N CYS B 18 15.60 -12.13 0.18
CA CYS B 18 14.62 -11.45 -0.67
C CYS B 18 14.17 -12.33 -1.83
N ARG B 19 12.90 -12.69 -1.90
CA ARG B 19 12.46 -13.60 -2.96
C ARG B 19 11.75 -12.95 -4.14
N HIS B 20 11.03 -11.87 -3.87
CA HIS B 20 10.24 -11.21 -4.92
C HIS B 20 10.40 -9.68 -4.80
N VAL B 21 10.96 -9.08 -5.83
CA VAL B 21 11.21 -7.68 -5.90
C VAL B 21 10.29 -7.05 -6.95
N ALA B 22 9.73 -5.90 -6.64
CA ALA B 22 8.88 -5.19 -7.58
C ALA B 22 9.56 -3.84 -7.75
N ILE B 23 9.62 -3.36 -8.98
CA ILE B 23 10.26 -2.08 -9.21
C ILE B 23 9.39 -1.13 -9.98
N ILE B 24 9.20 0.07 -9.46
CA ILE B 24 8.52 1.10 -10.21
C ILE B 24 9.63 1.85 -10.98
N MET B 25 9.67 1.66 -12.28
CA MET B 25 10.72 2.29 -13.08
C MET B 25 10.30 3.70 -13.45
N ASP B 26 11.10 4.72 -13.09
CA ASP B 26 10.70 6.09 -13.40
C ASP B 26 11.96 6.94 -13.59
N GLY B 27 11.85 7.94 -14.46
CA GLY B 27 12.94 8.85 -14.67
C GLY B 27 13.57 8.86 -16.04
N ASN B 28 13.04 8.11 -17.00
CA ASN B 28 13.65 8.09 -18.33
C ASN B 28 13.68 9.44 -19.07
N GLY B 29 12.53 10.13 -19.09
CA GLY B 29 12.43 11.41 -19.76
C GLY B 29 13.29 12.45 -19.07
N ARG B 30 13.26 12.49 -17.74
CA ARG B 30 14.05 13.46 -17.00
C ARG B 30 15.54 13.23 -17.31
N TRP B 31 15.93 11.95 -17.38
CA TRP B 31 17.29 11.57 -17.67
C TRP B 31 17.69 12.09 -19.08
N ALA B 32 16.80 11.89 -20.05
CA ALA B 32 17.09 12.30 -21.42
C ALA B 32 17.31 13.80 -21.48
N LYS B 33 16.45 14.54 -20.79
CA LYS B 33 16.55 16.00 -20.77
C LYS B 33 17.91 16.45 -20.23
N LYS B 34 18.32 15.82 -19.13
CA LYS B 34 19.59 16.12 -18.48
C LYS B 34 20.78 15.86 -19.40
N GLN B 35 20.64 14.86 -20.26
CA GLN B 35 21.66 14.49 -21.22
C GLN B 35 21.55 15.41 -22.44
N GLY B 36 20.48 16.22 -22.48
CA GLY B 36 20.25 17.12 -23.59
C GLY B 36 19.79 16.35 -24.82
N LYS B 37 19.13 15.22 -24.60
CA LYS B 37 18.68 14.36 -25.71
C LYS B 37 17.15 14.26 -25.73
N ILE B 38 16.61 13.65 -26.81
CA ILE B 38 15.17 13.44 -26.98
C ILE B 38 14.60 12.21 -26.23
N ARG B 39 13.29 12.23 -26.00
CA ARG B 39 12.60 11.17 -25.28
C ARG B 39 12.97 9.74 -25.69
N ALA B 40 13.05 9.50 -26.98
CA ALA B 40 13.41 8.19 -27.53
C ALA B 40 14.74 7.70 -27.00
N PHE B 41 15.65 8.64 -26.70
CA PHE B 41 16.96 8.33 -26.18
C PHE B 41 16.90 7.76 -24.73
N GLY B 42 15.99 8.31 -23.95
CA GLY B 42 15.79 7.85 -22.59
C GLY B 42 15.09 6.50 -22.64
N HIS B 43 14.19 6.29 -23.60
CA HIS B 43 13.50 5.02 -23.73
C HIS B 43 14.53 3.93 -24.00
N LYS B 44 15.43 4.20 -24.94
CA LYS B 44 16.50 3.28 -25.26
C LYS B 44 17.38 2.96 -24.03
N ALA B 45 17.78 4.00 -23.29
CA ALA B 45 18.63 3.79 -22.13
C ALA B 45 17.82 3.03 -21.07
N GLY B 46 16.52 3.30 -21.06
CA GLY B 46 15.66 2.61 -20.11
C GLY B 46 15.56 1.12 -20.36
N ALA B 47 15.52 0.75 -21.64
CA ALA B 47 15.42 -0.66 -22.01
C ALA B 47 16.69 -1.36 -21.62
N LYS B 48 17.84 -0.70 -21.79
CA LYS B 48 19.09 -1.36 -21.41
C LYS B 48 19.16 -1.58 -19.88
N SER B 49 18.65 -0.63 -19.14
CA SER B 49 18.60 -0.74 -17.69
C SER B 49 17.61 -1.88 -17.31
N VAL B 50 16.54 -2.08 -18.08
CA VAL B 50 15.66 -3.22 -17.79
C VAL B 50 16.47 -4.52 -17.97
N ARG B 51 17.16 -4.65 -19.09
CA ARG B 51 17.95 -5.86 -19.33
C ARG B 51 18.97 -6.12 -18.22
N ARG B 52 19.64 -5.06 -17.78
CA ARG B 52 20.64 -5.23 -16.72
C ARG B 52 19.97 -5.62 -15.39
N ALA B 53 18.76 -5.09 -15.09
CA ALA B 53 18.08 -5.45 -13.84
C ALA B 53 17.65 -6.92 -13.85
N VAL B 54 17.11 -7.35 -14.98
CA VAL B 54 16.65 -8.70 -15.12
C VAL B 54 17.85 -9.67 -14.97
N SER B 55 18.97 -9.36 -15.64
CA SER B 55 20.17 -10.20 -15.55
C SER B 55 20.58 -10.25 -14.12
N PHE B 56 20.70 -9.08 -13.51
CA PHE B 56 21.09 -9.06 -12.14
C PHE B 56 20.21 -9.93 -11.21
N ALA B 57 18.90 -9.80 -11.36
CA ALA B 57 18.00 -10.58 -10.49
C ALA B 57 18.18 -12.06 -10.76
N ALA B 58 18.24 -12.44 -12.04
CA ALA B 58 18.42 -13.85 -12.37
C ALA B 58 19.75 -14.41 -11.78
N ASN B 59 20.84 -13.64 -11.90
CA ASN B 59 22.16 -14.04 -11.39
C ASN B 59 22.30 -14.10 -9.87
N ASN B 60 21.36 -13.47 -9.15
CA ASN B 60 21.42 -13.42 -7.70
C ASN B 60 20.30 -14.17 -6.95
N GLY B 61 19.71 -15.17 -7.59
CA GLY B 61 18.71 -16.00 -6.92
C GLY B 61 17.34 -15.43 -6.56
N ILE B 62 16.99 -14.28 -7.13
CA ILE B 62 15.69 -13.71 -6.84
C ILE B 62 14.69 -14.59 -7.61
N GLU B 63 13.61 -14.99 -6.93
CA GLU B 63 12.58 -15.82 -7.54
C GLU B 63 11.64 -15.08 -8.53
N ALA B 64 11.28 -13.84 -8.22
CA ALA B 64 10.40 -13.10 -9.10
C ALA B 64 10.80 -11.64 -9.13
N LEU B 65 10.71 -11.06 -10.35
CA LEU B 65 10.99 -9.65 -10.57
C LEU B 65 9.75 -9.11 -11.26
N THR B 66 9.10 -8.11 -10.65
CA THR B 66 7.89 -7.49 -11.24
C THR B 66 8.15 -6.04 -11.64
N LEU B 67 8.01 -5.71 -12.92
CA LEU B 67 8.34 -4.37 -13.41
C LEU B 67 7.15 -3.53 -13.89
N TYR B 68 7.15 -2.28 -13.45
CA TYR B 68 6.08 -1.32 -13.76
C TYR B 68 6.73 -0.07 -14.31
N ALA B 69 6.36 0.26 -15.55
CA ALA B 69 6.86 1.47 -16.25
C ALA B 69 5.96 2.65 -15.84
N PHE B 70 6.49 3.58 -15.05
CA PHE B 70 5.65 4.71 -14.66
C PHE B 70 5.72 5.85 -15.69
N SER B 71 4.54 6.27 -16.12
CA SER B 71 4.44 7.41 -17.04
C SER B 71 3.37 8.38 -16.54
N SER B 72 3.70 9.66 -16.55
CA SER B 72 2.78 10.74 -16.19
C SER B 72 1.85 10.95 -17.39
N SER B 83 -0.52 2.28 -29.92
CA SER B 83 -0.43 1.72 -31.30
C SER B 83 1.01 1.58 -31.75
N ALA B 84 1.80 2.64 -31.54
CA ALA B 84 3.21 2.59 -31.89
C ALA B 84 3.91 1.81 -30.77
N LEU B 85 3.43 2.00 -29.53
CA LEU B 85 3.96 1.30 -28.38
C LEU B 85 3.43 -0.14 -28.43
N MET B 86 2.28 -0.32 -29.10
CA MET B 86 1.67 -1.65 -29.28
C MET B 86 2.50 -2.50 -30.24
N GLU B 87 3.02 -1.88 -31.29
CA GLU B 87 3.85 -2.63 -32.25
C GLU B 87 5.18 -2.89 -31.61
N LEU B 88 5.64 -1.93 -30.83
CA LEU B 88 6.91 -2.06 -30.16
C LEU B 88 6.80 -3.23 -29.18
N PHE B 89 5.65 -3.31 -28.53
CA PHE B 89 5.38 -4.36 -27.57
C PHE B 89 5.55 -5.72 -28.31
N VAL B 90 4.93 -5.82 -29.49
CA VAL B 90 5.01 -7.03 -30.33
C VAL B 90 6.48 -7.28 -30.69
N TRP B 91 7.11 -6.24 -31.23
CA TRP B 91 8.54 -6.31 -31.59
C TRP B 91 9.40 -6.80 -30.40
N ALA B 92 9.14 -6.24 -29.22
CA ALA B 92 9.89 -6.58 -28.00
C ALA B 92 9.71 -8.05 -27.65
N LEU B 93 8.47 -8.51 -27.71
CA LEU B 93 8.21 -9.92 -27.40
C LEU B 93 8.84 -10.80 -28.46
N ASP B 94 8.65 -10.43 -29.73
CA ASP B 94 9.18 -11.25 -30.81
C ASP B 94 10.68 -11.38 -30.76
N SER B 95 11.36 -10.32 -30.38
CA SER B 95 12.80 -10.45 -30.37
C SER B 95 13.49 -10.85 -29.06
N GLU B 96 12.79 -10.83 -27.92
CA GLU B 96 13.42 -11.15 -26.63
C GLU B 96 12.98 -12.44 -25.99
N VAL B 97 11.77 -12.88 -26.32
CA VAL B 97 11.26 -14.08 -25.66
C VAL B 97 12.18 -15.31 -25.80
N LYS B 98 12.75 -15.54 -26.98
CA LYS B 98 13.69 -16.67 -27.17
C LYS B 98 14.83 -16.70 -26.12
N SER B 99 15.49 -15.58 -25.91
CA SER B 99 16.60 -15.52 -24.93
C SER B 99 16.09 -15.64 -23.51
N LEU B 100 14.94 -15.07 -23.22
CA LEU B 100 14.45 -15.24 -21.87
C LEU B 100 14.22 -16.73 -21.69
N HIS B 101 13.66 -17.38 -22.71
CA HIS B 101 13.34 -18.81 -22.60
C HIS B 101 14.62 -19.63 -22.33
N ARG B 102 15.65 -19.30 -23.10
CA ARG B 102 16.96 -19.96 -22.95
C ARG B 102 17.52 -19.76 -21.55
N HIS B 103 17.26 -18.59 -20.98
CA HIS B 103 17.74 -18.31 -19.65
C HIS B 103 16.85 -18.84 -18.59
N ASN B 104 15.92 -19.70 -18.99
CA ASN B 104 15.01 -20.31 -18.05
C ASN B 104 14.11 -19.32 -17.26
N VAL B 105 13.79 -18.20 -17.89
CA VAL B 105 12.91 -17.19 -17.29
C VAL B 105 11.45 -17.48 -17.65
N ARG B 106 10.55 -17.31 -16.69
CA ARG B 106 9.12 -17.50 -16.99
C ARG B 106 8.52 -16.07 -17.16
N LEU B 107 7.98 -15.78 -18.33
CA LEU B 107 7.40 -14.44 -18.56
C LEU B 107 5.89 -14.37 -18.31
N ARG B 108 5.46 -13.33 -17.63
CA ARG B 108 4.04 -13.16 -17.43
C ARG B 108 3.75 -11.68 -17.61
N ILE B 109 2.59 -11.34 -18.20
CA ILE B 109 2.24 -9.94 -18.33
C ILE B 109 1.10 -9.73 -17.33
N ILE B 110 1.14 -8.67 -16.52
CA ILE B 110 0.03 -8.50 -15.61
C ILE B 110 -0.63 -7.20 -16.00
N GLY B 111 -1.95 -7.17 -15.92
CA GLY B 111 -2.66 -5.94 -16.30
C GLY B 111 -3.83 -6.30 -17.19
N ASP B 112 -4.57 -5.27 -17.55
CA ASP B 112 -5.74 -5.40 -18.39
C ASP B 112 -5.38 -5.29 -19.88
N THR B 113 -5.14 -6.44 -20.46
CA THR B 113 -4.78 -6.51 -21.86
C THR B 113 -5.98 -6.87 -22.73
N SER B 114 -7.15 -7.01 -22.07
CA SER B 114 -8.43 -7.36 -22.73
C SER B 114 -8.74 -6.44 -23.91
N ARG B 115 -8.24 -5.22 -23.89
CA ARG B 115 -8.52 -4.33 -24.98
C ARG B 115 -7.36 -4.08 -25.96
N PHE B 116 -6.21 -4.74 -25.76
CA PHE B 116 -5.11 -4.61 -26.71
C PHE B 116 -5.60 -5.27 -28.02
N ASN B 117 -4.96 -4.95 -29.15
CA ASN B 117 -5.37 -5.55 -30.43
C ASN B 117 -5.12 -7.06 -30.30
N SER B 118 -5.90 -7.89 -31.02
CA SER B 118 -5.79 -9.32 -30.88
C SER B 118 -4.43 -9.91 -31.27
N ARG B 119 -3.71 -9.30 -32.20
CA ARG B 119 -2.40 -9.84 -32.54
C ARG B 119 -1.49 -9.71 -31.31
N LEU B 120 -1.53 -8.56 -30.64
CA LEU B 120 -0.68 -8.40 -29.46
C LEU B 120 -1.15 -9.34 -28.33
N GLN B 121 -2.45 -9.52 -28.17
CA GLN B 121 -2.97 -10.41 -27.15
C GLN B 121 -2.45 -11.80 -27.42
N GLU B 122 -2.47 -12.19 -28.69
CA GLU B 122 -1.97 -13.52 -29.08
C GLU B 122 -0.46 -13.65 -28.84
N ARG B 123 0.32 -12.62 -29.20
CA ARG B 123 1.79 -12.68 -28.92
C ARG B 123 2.05 -12.85 -27.42
N ILE B 124 1.25 -12.15 -26.61
CA ILE B 124 1.46 -12.24 -25.16
C ILE B 124 1.19 -13.65 -24.69
N ARG B 125 0.06 -14.18 -25.15
CA ARG B 125 -0.37 -15.51 -24.75
C ARG B 125 0.67 -16.55 -25.17
N LYS B 126 1.18 -16.46 -26.39
CA LYS B 126 2.18 -17.45 -26.84
C LYS B 126 3.52 -17.35 -26.06
N SER B 127 3.94 -16.13 -25.78
CA SER B 127 5.18 -15.89 -25.03
C SER B 127 5.07 -16.49 -23.63
N GLU B 128 3.93 -16.27 -22.99
CA GLU B 128 3.70 -16.81 -21.66
C GLU B 128 3.64 -18.34 -21.76
N ALA B 129 2.98 -18.86 -22.80
CA ALA B 129 2.87 -20.33 -22.95
C ALA B 129 4.19 -20.99 -23.19
N LEU B 130 5.00 -20.39 -24.09
CA LEU B 130 6.34 -20.89 -24.39
C LEU B 130 7.19 -21.04 -23.10
N THR B 131 7.09 -20.06 -22.21
CA THR B 131 7.93 -20.05 -21.01
C THR B 131 7.29 -20.52 -19.72
N ALA B 132 6.04 -20.96 -19.79
CA ALA B 132 5.30 -21.29 -18.56
C ALA B 132 5.94 -22.32 -17.64
N GLY B 133 6.64 -23.26 -18.26
CA GLY B 133 7.27 -24.30 -17.49
C GLY B 133 8.68 -24.01 -17.02
N ASN B 134 9.23 -22.80 -17.26
CA ASN B 134 10.60 -22.51 -16.80
C ASN B 134 10.62 -22.36 -15.28
N THR B 135 11.74 -22.76 -14.68
CA THR B 135 11.84 -22.75 -13.24
C THR B 135 12.81 -21.73 -12.67
N GLY B 136 13.32 -20.84 -13.52
CA GLY B 136 14.25 -19.84 -13.05
C GLY B 136 13.46 -18.63 -12.58
N LEU B 137 13.92 -17.45 -12.93
CA LEU B 137 13.24 -16.23 -12.52
C LEU B 137 11.88 -16.05 -13.18
N THR B 138 10.84 -15.70 -12.43
CA THR B 138 9.58 -15.35 -13.10
C THR B 138 9.65 -13.80 -13.24
N LEU B 139 9.52 -13.32 -14.46
CA LEU B 139 9.56 -11.89 -14.75
C LEU B 139 8.11 -11.46 -15.10
N ASN B 140 7.50 -10.59 -14.28
CA ASN B 140 6.15 -10.10 -14.50
C ASN B 140 6.28 -8.67 -15.03
N ILE B 141 5.70 -8.42 -16.19
CA ILE B 141 5.76 -7.08 -16.80
C ILE B 141 4.37 -6.47 -16.67
N ALA B 142 4.24 -5.31 -16.05
CA ALA B 142 2.89 -4.70 -15.94
C ALA B 142 2.53 -4.03 -17.26
N ALA B 143 1.35 -4.27 -17.79
CA ALA B 143 1.03 -3.52 -18.99
C ALA B 143 -0.42 -3.10 -18.72
N ASN B 144 -0.69 -1.80 -18.68
CA ASN B 144 -2.03 -1.29 -18.41
C ASN B 144 -2.49 -1.98 -17.13
N TYR B 145 -1.63 -1.92 -16.12
CA TYR B 145 -1.93 -2.54 -14.83
C TYR B 145 -2.30 -1.47 -13.80
N GLY B 146 -3.17 -1.81 -12.85
CA GLY B 146 -3.46 -0.85 -11.78
C GLY B 146 -3.75 -1.71 -10.57
N GLY B 147 -3.26 -1.37 -9.39
CA GLY B 147 -3.52 -2.19 -8.22
C GLY B 147 -5.01 -2.26 -7.81
N ARG B 148 -5.73 -1.16 -7.98
CA ARG B 148 -7.15 -1.16 -7.66
C ARG B 148 -7.92 -2.07 -8.69
N TRP B 149 -7.60 -1.94 -9.98
CA TRP B 149 -8.19 -2.78 -11.05
C TRP B 149 -7.95 -4.26 -10.77
N ASP B 150 -6.72 -4.55 -10.32
CA ASP B 150 -6.29 -5.91 -9.99
C ASP B 150 -7.25 -6.50 -8.96
N ILE B 151 -7.43 -5.77 -7.88
CA ILE B 151 -8.31 -6.18 -6.79
C ILE B 151 -9.75 -6.34 -7.31
N VAL B 152 -10.20 -5.36 -8.09
CA VAL B 152 -11.55 -5.39 -8.66
C VAL B 152 -11.74 -6.59 -9.59
N GLN B 153 -10.72 -7.03 -10.32
CA GLN B 153 -10.97 -8.17 -11.18
C GLN B 153 -11.16 -9.42 -10.32
N GLY B 154 -10.44 -9.48 -9.20
CA GLY B 154 -10.59 -10.62 -8.29
C GLY B 154 -12.00 -10.58 -7.68
N VAL B 155 -12.42 -9.38 -7.32
CA VAL B 155 -13.76 -9.22 -6.78
C VAL B 155 -14.84 -9.71 -7.75
N ARG B 156 -14.72 -9.34 -9.01
CA ARG B 156 -15.70 -9.75 -10.01
C ARG B 156 -15.77 -11.29 -10.06
N GLN B 157 -14.59 -11.93 -10.03
CA GLN B 157 -14.51 -13.38 -10.03
C GLN B 157 -15.31 -13.98 -8.87
N LEU B 158 -15.17 -13.41 -7.67
CA LEU B 158 -15.87 -13.90 -6.50
C LEU B 158 -17.37 -13.59 -6.55
N ALA B 159 -17.71 -12.44 -7.12
CA ALA B 159 -19.10 -12.03 -7.26
C ALA B 159 -19.80 -13.03 -8.16
N GLU B 160 -19.08 -13.55 -9.15
CA GLU B 160 -19.64 -14.53 -10.09
C GLU B 160 -20.05 -15.80 -9.39
N LYS B 161 -19.21 -16.27 -8.48
CA LYS B 161 -19.50 -17.48 -7.76
C LYS B 161 -20.60 -17.26 -6.76
N VAL B 162 -20.81 -16.00 -6.39
CA VAL B 162 -21.87 -15.68 -5.44
C VAL B 162 -23.18 -15.68 -6.23
N GLN B 163 -23.12 -15.15 -7.44
CA GLN B 163 -24.29 -15.09 -8.28
C GLN B 163 -24.74 -16.52 -8.57
N GLN B 164 -23.81 -17.37 -9.03
CA GLN B 164 -24.14 -18.76 -9.33
C GLN B 164 -24.79 -19.33 -8.08
N GLY B 165 -24.01 -19.49 -7.02
CA GLY B 165 -24.56 -20.01 -5.79
C GLY B 165 -23.54 -20.87 -5.10
N ASN B 166 -22.32 -20.80 -5.62
CA ASN B 166 -21.19 -21.56 -5.10
C ASN B 166 -20.51 -20.83 -3.94
N LEU B 167 -20.97 -19.62 -3.62
CA LEU B 167 -20.32 -18.88 -2.55
C LEU B 167 -21.26 -17.95 -1.78
N GLN B 168 -21.16 -17.99 -0.45
CA GLN B 168 -21.99 -17.14 0.39
C GLN B 168 -21.19 -15.90 0.77
N PRO B 169 -21.82 -14.71 0.68
CA PRO B 169 -21.18 -13.44 1.02
C PRO B 169 -20.24 -13.47 2.22
N ASP B 170 -20.71 -14.07 3.31
CA ASP B 170 -19.96 -14.16 4.55
C ASP B 170 -18.86 -15.21 4.62
N GLN B 171 -18.67 -15.94 3.53
CA GLN B 171 -17.60 -16.93 3.49
C GLN B 171 -16.41 -16.27 2.81
N ILE B 172 -16.57 -15.04 2.34
CA ILE B 172 -15.47 -14.36 1.65
C ILE B 172 -14.49 -13.79 2.66
N ASP B 173 -13.24 -14.22 2.59
CA ASP B 173 -12.24 -13.69 3.51
C ASP B 173 -10.93 -13.27 2.82
N GLU B 174 -9.96 -12.83 3.59
CA GLU B 174 -8.68 -12.39 2.99
C GLU B 174 -8.00 -13.45 2.15
N GLU B 175 -7.89 -14.66 2.71
CA GLU B 175 -7.24 -15.76 1.99
C GLU B 175 -7.83 -15.98 0.63
N MET B 176 -9.15 -15.93 0.59
CA MET B 176 -9.88 -16.15 -0.64
C MET B 176 -9.64 -15.09 -1.72
N LEU B 177 -9.76 -13.79 -1.37
CA LEU B 177 -9.54 -12.77 -2.39
C LEU B 177 -8.07 -12.82 -2.79
N ASN B 178 -7.22 -13.22 -1.87
CA ASN B 178 -5.79 -13.32 -2.16
C ASN B 178 -5.56 -14.29 -3.34
N GLN B 179 -6.42 -15.30 -3.47
CA GLN B 179 -6.28 -16.27 -4.52
C GLN B 179 -6.78 -15.74 -5.81
N HIS B 180 -7.35 -14.55 -5.80
CA HIS B 180 -7.82 -14.03 -7.06
C HIS B 180 -7.15 -12.75 -7.52
N VAL B 181 -6.02 -12.37 -6.89
CA VAL B 181 -5.33 -11.16 -7.32
C VAL B 181 -4.06 -11.59 -8.06
N CYS B 182 -3.52 -10.74 -8.92
CA CYS B 182 -2.35 -11.09 -9.71
C CYS B 182 -1.21 -11.61 -8.89
N MET B 183 -0.47 -12.56 -9.47
CA MET B 183 0.70 -13.16 -8.85
C MET B 183 0.47 -13.96 -7.59
N HIS B 184 -0.75 -14.42 -7.35
CA HIS B 184 -0.99 -15.17 -6.13
C HIS B 184 -0.23 -16.51 -6.05
N GLU B 185 0.17 -17.05 -7.18
CA GLU B 185 0.90 -18.31 -7.20
C GLU B 185 2.41 -18.13 -6.95
N LEU B 186 2.86 -16.88 -6.83
CA LEU B 186 4.30 -16.63 -6.63
C LEU B 186 4.62 -16.23 -5.21
N ALA B 187 5.90 -16.17 -4.88
CA ALA B 187 6.24 -15.71 -3.52
C ALA B 187 5.66 -14.29 -3.30
N PRO B 188 5.35 -13.95 -2.04
CA PRO B 188 4.81 -12.64 -1.66
C PRO B 188 5.87 -11.58 -2.04
N VAL B 189 5.43 -10.40 -2.45
CA VAL B 189 6.41 -9.35 -2.76
C VAL B 189 7.12 -8.93 -1.43
N ASP B 190 8.44 -9.05 -1.40
CA ASP B 190 9.24 -8.70 -0.23
C ASP B 190 9.73 -7.24 -0.25
N LEU B 191 9.97 -6.72 -1.44
CA LEU B 191 10.57 -5.41 -1.59
C LEU B 191 10.06 -4.68 -2.79
N VAL B 192 9.70 -3.39 -2.59
CA VAL B 192 9.25 -2.57 -3.72
C VAL B 192 10.28 -1.47 -3.78
N ILE B 193 10.85 -1.27 -4.95
CA ILE B 193 11.85 -0.24 -5.20
C ILE B 193 11.24 0.80 -6.14
N ARG B 194 11.34 2.10 -5.82
CA ARG B 194 10.87 3.09 -6.82
C ARG B 194 12.00 4.08 -7.12
N THR B 195 12.39 4.15 -8.40
CA THR B 195 13.43 5.03 -8.85
C THR B 195 12.83 6.33 -9.30
N GLY B 196 13.70 7.32 -9.45
CA GLY B 196 13.19 8.57 -9.99
C GLY B 196 12.84 9.64 -9.00
N GLY B 197 12.89 9.36 -7.70
CA GLY B 197 12.62 10.43 -6.74
C GLY B 197 11.23 10.60 -6.15
N GLU B 198 10.18 10.11 -6.81
CA GLU B 198 8.83 10.24 -6.23
C GLU B 198 8.61 9.16 -5.13
N HIS B 199 7.89 9.54 -4.08
CA HIS B 199 7.63 8.64 -2.95
C HIS B 199 6.16 8.24 -2.89
N ARG B 200 5.72 7.54 -3.92
CA ARG B 200 4.33 7.12 -4.04
C ARG B 200 4.32 5.78 -4.72
N ILE B 201 3.23 5.05 -4.51
CA ILE B 201 2.99 3.72 -5.11
C ILE B 201 2.35 3.90 -6.46
N SER B 202 1.67 5.03 -6.63
CA SER B 202 1.00 5.40 -7.87
C SER B 202 0.11 4.29 -8.43
N ASN B 203 -0.68 3.66 -7.57
CA ASN B 203 -1.59 2.59 -8.04
C ASN B 203 -0.91 1.40 -8.74
N PHE B 204 0.31 1.10 -8.31
CA PHE B 204 1.01 -0.09 -8.78
C PHE B 204 0.37 -1.09 -7.82
N LEU B 205 1.11 -2.09 -7.33
CA LEU B 205 0.58 -3.11 -6.41
C LEU B 205 0.04 -2.49 -5.13
N LEU B 206 -1.11 -2.99 -4.64
CA LEU B 206 -1.68 -2.47 -3.38
C LEU B 206 -1.91 -3.65 -2.42
N TRP B 207 -2.76 -4.57 -2.80
CA TRP B 207 -3.03 -5.71 -1.92
C TRP B 207 -1.73 -6.47 -1.62
N GLN B 208 -0.93 -6.67 -2.67
CA GLN B 208 0.30 -7.42 -2.53
C GLN B 208 1.44 -6.77 -1.76
N ILE B 209 1.38 -5.47 -1.47
CA ILE B 209 2.50 -4.86 -0.75
C ILE B 209 2.23 -4.60 0.73
N ALA B 210 1.20 -5.24 1.27
CA ALA B 210 0.85 -5.05 2.67
C ALA B 210 2.02 -5.18 3.65
N TYR B 211 2.90 -6.13 3.39
CA TYR B 211 4.02 -6.37 4.29
C TYR B 211 5.38 -6.16 3.68
N ALA B 212 5.41 -5.59 2.46
CA ALA B 212 6.68 -5.35 1.75
C ALA B 212 7.49 -4.17 2.27
N GLU B 213 8.79 -4.30 2.16
CA GLU B 213 9.73 -3.22 2.48
C GLU B 213 9.59 -2.25 1.31
N LEU B 214 9.60 -0.95 1.56
CA LEU B 214 9.46 0.05 0.48
C LEU B 214 10.78 0.80 0.43
N TYR B 215 11.39 0.86 -0.76
CA TYR B 215 12.69 1.51 -0.89
C TYR B 215 12.65 2.56 -2.00
N PHE B 216 12.93 3.82 -1.67
CA PHE B 216 12.86 4.89 -2.63
C PHE B 216 14.25 5.43 -2.91
N THR B 217 14.58 5.65 -4.19
CA THR B 217 15.87 6.20 -4.55
C THR B 217 15.67 7.26 -5.61
N ASP B 218 16.43 8.35 -5.52
CA ASP B 218 16.33 9.46 -6.50
C ASP B 218 17.01 9.12 -7.81
N VAL B 219 17.74 8.01 -7.84
CA VAL B 219 18.43 7.62 -9.06
C VAL B 219 17.38 7.44 -10.18
N LEU B 220 17.70 7.96 -11.37
CA LEU B 220 16.79 7.87 -12.50
C LEU B 220 16.92 6.48 -13.12
N TRP B 221 15.83 5.95 -13.67
CA TRP B 221 15.89 4.60 -14.18
C TRP B 221 17.06 4.23 -15.10
N PRO B 222 17.41 5.10 -16.06
CA PRO B 222 18.55 4.73 -16.94
C PRO B 222 19.85 4.49 -16.16
N ASP B 223 20.02 5.17 -15.03
CA ASP B 223 21.24 5.02 -14.22
C ASP B 223 21.11 3.93 -13.15
N PHE B 224 19.92 3.37 -12.93
CA PHE B 224 19.77 2.36 -11.87
C PHE B 224 20.60 1.14 -12.25
N ASP B 225 21.65 0.85 -11.48
CA ASP B 225 22.49 -0.30 -11.91
C ASP B 225 22.62 -1.37 -10.87
N GLU B 226 23.62 -2.25 -11.03
CA GLU B 226 23.81 -3.35 -10.05
C GLU B 226 24.08 -2.88 -8.64
N GLN B 227 24.86 -1.81 -8.52
CA GLN B 227 25.18 -1.25 -7.24
C GLN B 227 23.92 -0.69 -6.56
N ASP B 228 23.09 -0.01 -7.33
CA ASP B 228 21.83 0.53 -6.81
C ASP B 228 20.91 -0.62 -6.37
N PHE B 229 20.78 -1.62 -7.25
CA PHE B 229 19.96 -2.80 -6.95
C PHE B 229 20.51 -3.48 -5.67
N GLU B 230 21.81 -3.73 -5.63
CA GLU B 230 22.37 -4.31 -4.40
C GLU B 230 22.12 -3.44 -3.14
N GLY B 231 22.23 -2.12 -3.28
CA GLY B 231 21.95 -1.27 -2.13
C GLY B 231 20.52 -1.50 -1.61
N ALA B 232 19.55 -1.69 -2.49
CA ALA B 232 18.18 -1.93 -2.03
C ALA B 232 18.09 -3.30 -1.37
N LEU B 233 18.76 -4.28 -1.94
CA LEU B 233 18.70 -5.63 -1.38
C LEU B 233 19.33 -5.67 0.02
N ASN B 234 20.47 -4.99 0.15
CA ASN B 234 21.19 -4.93 1.44
C ASN B 234 20.26 -4.25 2.44
N ALA B 235 19.71 -3.10 2.04
CA ALA B 235 18.77 -2.40 2.89
C ALA B 235 17.68 -3.34 3.39
N PHE B 236 17.10 -4.14 2.49
CA PHE B 236 16.07 -5.10 2.84
C PHE B 236 16.57 -6.09 3.91
N ALA B 237 17.72 -6.70 3.63
CA ALA B 237 18.34 -7.67 4.54
C ALA B 237 18.60 -7.07 5.94
N ASN B 238 19.21 -5.89 5.98
CA ASN B 238 19.50 -5.21 7.24
C ASN B 238 18.24 -4.87 8.00
N ARG B 239 17.21 -4.42 7.29
CA ARG B 239 15.95 -4.06 7.93
C ARG B 239 15.23 -5.29 8.45
N GLU B 240 15.43 -6.41 7.76
CA GLU B 240 14.84 -7.67 8.19
C GLU B 240 15.50 -8.10 9.51
N ARG B 241 16.80 -7.82 9.63
CA ARG B 241 17.52 -8.19 10.85
C ARG B 241 17.11 -7.29 12.03
N ARG B 242 17.07 -5.97 11.81
CA ARG B 242 16.70 -5.05 12.88
C ARG B 242 15.21 -4.98 13.21
N PHE B 243 14.34 -5.20 12.22
CA PHE B 243 12.91 -5.14 12.49
C PHE B 243 12.24 -6.48 12.25
#